data_2L9E
#
_entry.id   2L9E
#
_entity_poly.entity_id   1
_entity_poly.type   'polyribonucleotide'
_entity_poly.pdbx_seq_one_letter_code
;GCAGACU(70U)UU(12A)AUCUGC
;
_entity_poly.pdbx_strand_id   A
#
loop_
_chem_comp.id
_chem_comp.type
_chem_comp.name
_chem_comp.formula
12A RNA linking 2-METHYLTHIO-N6-(AMINOCARBONYL-L-THREONYL)-ADENOSINE-5'-MONOPHOSPHATE 'C16 H23 N6 O11 P S'
70U RNA linking 5-(O-METHYLACETO)-2-THIO-2-DEOXY-URIDINE-5'-MONOPHOSPHATE 'C12 H17 N2 O10 P S'
A RNA linking ADENOSINE-5'-MONOPHOSPHATE 'C10 H14 N5 O7 P'
C RNA linking CYTIDINE-5'-MONOPHOSPHATE 'C9 H14 N3 O8 P'
G RNA linking GUANOSINE-5'-MONOPHOSPHATE 'C10 H14 N5 O8 P'
U RNA linking URIDINE-5'-MONOPHOSPHATE 'C9 H13 N2 O9 P'
#
# COMPACT_ATOMS: atom_id res chain seq x y z
N1 70U A 8 0.18 9.13 -0.51
C2 70U A 8 -0.28 8.95 -1.81
S2 70U A 8 -1.33 9.98 -2.60
N3 70U A 8 0.20 7.84 -2.45
C4 70U A 8 1.08 6.90 -1.94
O4 70U A 8 1.43 5.94 -2.64
C5 70U A 8 1.51 7.13 -0.59
C6 70U A 8 1.05 8.22 0.05
C5M 70U A 8 2.47 6.15 0.04
C8 70U A 8 3.76 5.92 -0.72
O8 70U A 8 3.90 6.21 -1.86
O9 70U A 8 4.70 5.35 0.04
C9 70U A 8 5.97 5.09 -0.56
C1' 70U A 8 -0.30 10.30 0.24
O2' 70U A 8 -2.13 11.69 0.84
C2' 70U A 8 -1.80 10.36 0.48
O3' 70U A 8 -3.09 9.71 2.46
C3' 70U A 8 -1.94 9.42 1.67
C4' 70U A 8 -0.65 9.62 2.46
O4' 70U A 8 0.28 10.26 1.53
C5' 70U A 8 -0.01 8.33 2.94
O5' 70U A 8 0.01 8.28 4.36
P 70U A 8 1.19 7.50 5.09
OP1 70U A 8 0.64 6.89 6.34
OP2 70U A 8 2.36 8.41 5.19
HN3 70U A 8 -0.11 7.69 -3.40
H6 70U A 8 1.39 8.39 1.07
H71 70U A 8 2.00 5.17 0.09
H72 70U A 8 2.72 6.45 1.04
H91 70U A 8 6.10 5.83 -1.32
H92 70U A 8 5.98 4.09 -0.97
H93 70U A 8 6.74 5.15 0.19
H1' 70U A 8 0.08 11.19 -0.24
HO2' 70U A 8 -2.82 11.63 1.51
H2' 70U A 8 -2.37 10.00 -0.37
H3' 70U A 8 -2.06 8.39 1.35
H4' 70U A 8 -0.89 10.22 3.33
H5' 70U A 8 -0.57 7.49 2.55
H5'' 70U A 8 1.01 8.28 2.57
P 12A A 11 -10.73 1.25 -2.33
OP1 12A A 11 -9.83 1.54 -1.18
OP2 12A A 11 -12.18 1.08 -2.10
O5' 12A A 11 -10.19 -0.07 -3.04
C5' 12A A 11 -11.06 -0.90 -3.80
C4' 12A A 11 -10.27 -1.92 -4.58
O4' 12A A 11 -9.11 -1.25 -5.15
C3' 12A A 11 -9.71 -3.08 -3.77
O3' 12A A 11 -10.65 -4.15 -3.68
C2' 12A A 11 -8.46 -3.45 -4.55
O2' 12A A 11 -8.78 -4.21 -5.71
C1' 12A A 11 -7.97 -2.08 -4.97
N9 12A A 11 -7.11 -1.47 -3.98
C8 12A A 11 -7.38 -0.51 -3.06
N7 12A A 11 -6.36 -0.20 -2.28
C5 12A A 11 -5.37 -1.07 -2.71
C6 12A A 11 -4.04 -1.29 -2.29
N6 12A A 11 -3.34 -0.69 -1.30
N1 12A A 11 -3.34 -2.23 -2.95
C2 12A A 11 -3.91 -2.89 -3.95
N3 12A A 11 -5.12 -2.75 -4.45
C4 12A A 11 -5.81 -1.83 -3.78
S2 12A A 11 -2.92 -4.10 -4.75
C2M 12A A 11 -1.54 -3.79 -3.62
CC 12A A 11 -1.96 -0.60 -1.34
OO 12A A 11 -1.32 -1.05 -2.25
N 12A A 11 -1.39 0.00 -0.25
CA 12A A 11 0.08 0.16 -0.12
C 12A A 11 0.62 0.90 -1.33
O 12A A 11 1.72 0.75 -1.77
OXT 12A A 11 -0.25 1.73 -1.86
CB 12A A 11 0.76 -1.23 0.10
OG1 12A A 11 2.15 -1.08 0.26
CG2 12A A 11 0.58 -2.22 -1.02
H5' 12A A 11 -11.65 -0.29 -4.48
H5'' 12A A 11 -11.75 -1.43 -3.12
H4' 12A A 11 -10.94 -2.35 -5.34
H3' 12A A 11 -9.50 -2.79 -2.75
H2' 12A A 11 -7.72 -3.96 -3.91
HO2' 12A A 11 -8.00 -4.72 -5.93
H1' 12A A 11 -7.43 -2.11 -5.92
H8 12A A 11 -8.35 -0.05 -2.96
HN6 12A A 11 -3.86 -0.30 -0.54
H2M1 12A A 11 -1.89 -4.09 -2.64
H2M2 12A A 11 -1.32 -2.75 -3.59
H2M3 12A A 11 -0.69 -4.35 -3.87
H 12A A 11 -1.94 0.36 0.49
HA 12A A 11 0.29 0.72 0.75
HXT 12A A 11 0.14 2.15 -2.61
HB 12A A 11 0.30 -1.64 1.01
HG1 12A A 11 2.58 -1.91 0.19
HG21 12A A 11 -0.46 -2.40 -1.22
HG22 12A A 11 1.02 -1.85 -1.94
HG23 12A A 11 1.07 -3.11 -0.76
N1 70U A 8 -0.19 8.84 -0.83
C2 70U A 8 -0.60 8.63 -2.13
S2 70U A 8 -1.75 9.55 -2.92
N3 70U A 8 -0.01 7.58 -2.78
C4 70U A 8 0.94 6.72 -2.26
O4 70U A 8 1.39 5.81 -2.96
C5 70U A 8 1.33 7.01 -0.91
C6 70U A 8 0.77 8.04 -0.27
C5M 70U A 8 2.37 6.14 -0.25
C8 70U A 8 3.70 6.02 -0.97
O8 70U A 8 4.25 4.98 -1.12
O9 70U A 8 4.17 7.19 -1.39
C9 70U A 8 5.42 7.18 -2.08
C1' 70U A 8 -0.78 9.95 -0.08
O2' 70U A 8 -2.78 11.15 0.48
C2' 70U A 8 -2.29 9.85 0.15
O3' 70U A 8 -3.51 9.10 2.12
C3' 70U A 8 -2.34 8.91 1.34
C4' 70U A 8 -1.08 9.27 2.14
O4' 70U A 8 -0.22 9.99 1.21
C5' 70U A 8 -0.32 8.04 2.63
O5' 70U A 8 -0.37 7.95 4.04
P 70U A 8 0.84 7.25 4.81
OP1 70U A 8 0.31 6.63 6.04
OP2 70U A 8 1.94 8.25 4.91
HN3 70U A 8 -0.29 7.39 -3.72
H6 70U A 8 1.08 8.23 0.75
H71 70U A 8 2.00 5.12 -0.19
H72 70U A 8 2.58 6.46 0.76
H91 70U A 8 5.22 7.62 -3.06
H92 70U A 8 5.79 6.19 -2.17
H93 70U A 8 6.13 7.78 -1.54
H1' 70U A 8 -0.52 10.88 -0.57
HO2' 70U A 8 -3.21 11.06 1.33
H2' 70U A 8 -2.80 9.42 -0.71
H3' 70U A 8 -2.35 7.87 1.04
H4' 70U A 8 -1.39 9.84 3.00
H5' 70U A 8 -0.77 7.15 2.19
H5'' 70U A 8 0.71 8.12 2.32
P 12A A 11 -11.28 1.37 -2.16
OP1 12A A 11 -10.28 1.80 -1.13
OP2 12A A 11 -12.72 1.51 -1.87
O5' 12A A 11 -10.96 -0.14 -2.52
C5' 12A A 11 -11.89 -0.92 -3.28
C4' 12A A 11 -11.15 -1.98 -4.06
O4' 12A A 11 -10.01 -1.36 -4.72
C3' 12A A 11 -10.55 -3.11 -3.22
O3' 12A A 11 -11.49 -4.15 -3.03
C2' 12A A 11 -9.34 -3.52 -4.04
O2' 12A A 11 -9.71 -4.34 -5.15
C1' 12A A 11 -8.87 -2.18 -4.57
N9 12A A 11 -7.95 -1.52 -3.65
C8 12A A 11 -8.21 -0.53 -2.74
N7 12A A 11 -7.17 -0.22 -2.00
C5 12A A 11 -6.18 -1.08 -2.44
C6 12A A 11 -4.87 -1.30 -2.05
N6 12A A 11 -4.14 -0.69 -1.06
N1 12A A 11 -4.17 -2.24 -2.71
C2 12A A 11 -4.75 -2.90 -3.70
N3 12A A 11 -5.96 -2.78 -4.18
C4 12A A 11 -6.65 -1.85 -3.48
S2 12A A 11 -3.75 -4.12 -4.48
C2M 12A A 11 -2.37 -3.79 -3.37
CC 12A A 11 -2.79 -0.52 -1.19
OO 12A A 11 -2.17 -0.86 -2.15
N 12A A 11 -2.19 0.06 -0.11
CA 12A A 11 -0.75 0.29 -0.07
C 12A A 11 -0.33 1.02 -1.34
O 12A A 11 0.64 0.74 -1.99
OXT 12A A 11 -1.16 1.97 -1.68
CB 12A A 11 0.02 -1.04 0.17
OG1 12A A 11 1.40 -0.82 0.23
CG2 12A A 11 -0.18 -2.06 -0.91
H5' 12A A 11 -12.42 -0.27 -3.98
H5'' 12A A 11 -12.60 -1.39 -2.62
H4' 12A A 11 -11.85 -2.44 -4.75
H3' 12A A 11 -10.28 -2.76 -2.23
H2' 12A A 11 -8.57 -4.00 -3.41
HO2' 12A A 11 -8.96 -4.91 -5.34
H1' 12A A 11 -8.38 -2.26 -5.53
H8 12A A 11 -9.17 -0.07 -2.64
HN6 12A A 11 -4.63 -0.38 -0.25
H2M1 12A A 11 -2.75 -3.97 -2.38
H2M2 12A A 11 -2.09 -2.77 -3.43
H2M3 12A A 11 -1.55 -4.42 -3.56
H 12A A 11 -2.72 0.34 0.68
HA 12A A 11 -0.51 0.91 0.75
HXT 12A A 11 -0.84 2.36 -2.48
HB 12A A 11 -0.37 -1.43 1.11
HG1 12A A 11 1.86 -1.65 0.28
HG21 12A A 11 -1.22 -2.31 -1.04
HG22 12A A 11 0.20 -1.72 -1.85
HG23 12A A 11 0.37 -2.93 -0.65
N1 70U A 8 -0.21 9.85 0.37
C2 70U A 8 -0.55 9.72 -0.96
S2 70U A 8 -1.67 10.66 -1.75
N3 70U A 8 0.11 8.72 -1.63
C4 70U A 8 1.06 7.86 -1.12
O4 70U A 8 1.56 7.01 -1.85
C5 70U A 8 1.36 8.06 0.27
C6 70U A 8 0.73 9.02 0.95
C5M 70U A 8 2.38 7.16 0.92
C8 70U A 8 3.76 7.14 0.28
O8 70U A 8 4.29 6.13 -0.07
O9 70U A 8 4.29 8.34 0.15
C9 70U A 8 5.58 8.44 -0.45
C1' 70U A 8 -0.88 10.90 1.16
O2' 70U A 8 -2.95 12.00 1.66
C2' 70U A 8 -2.40 10.75 1.27
O3' 70U A 8 -3.74 9.85 3.09
C3' 70U A 8 -2.50 9.73 2.39
C4' 70U A 8 -1.30 10.04 3.30
O4' 70U A 8 -0.40 10.86 2.48
C5' 70U A 8 -0.54 8.82 3.75
O5' 70U A 8 -0.72 8.58 5.13
P 70U A 8 0.45 7.87 5.95
OP1 70U A 8 -0.18 7.09 7.06
OP2 70U A 8 1.47 8.89 6.27
HN3 70U A 8 -0.11 8.60 -2.61
H6 70U A 8 0.97 9.16 1.99
H71 70U A 8 2.04 6.12 0.88
H72 70U A 8 2.52 7.41 1.97
H91 70U A 8 5.41 8.70 -1.47
H92 70U A 8 6.09 7.49 -0.36
H93 70U A 8 6.16 9.20 0.07
H1' 70U A 8 -0.61 11.86 0.75
HO2' 70U A 8 -3.47 11.83 2.45
H2' 70U A 8 -2.83 10.37 0.35
H3' 70U A 8 -2.46 8.71 2.02
H4' 70U A 8 -1.69 10.55 4.18
H5' 70U A 8 -0.91 7.96 3.19
H5'' 70U A 8 0.50 8.96 3.55
P 12A A 11 -9.96 1.02 -2.19
OP1 12A A 11 -8.94 1.06 -1.11
OP2 12A A 11 -11.39 0.87 -1.85
O5' 12A A 11 -9.56 -0.16 -3.19
C5' 12A A 11 -10.56 -0.90 -3.89
C4' 12A A 11 -9.92 -2.04 -4.67
O4' 12A A 11 -8.72 -1.52 -5.31
C3' 12A A 11 -9.44 -3.21 -3.81
O3' 12A A 11 -10.47 -4.19 -3.66
C2' 12A A 11 -8.25 -3.74 -4.61
O2' 12A A 11 -8.68 -4.51 -5.72
C1' 12A A 11 -7.66 -2.44 -5.13
N9 12A A 11 -6.72 -1.86 -4.17
C8 12A A 11 -6.93 -0.84 -3.28
N7 12A A 11 -5.91 -0.61 -2.49
C5 12A A 11 -4.97 -1.55 -2.90
C6 12A A 11 -3.68 -1.86 -2.46
N6 12A A 11 -2.96 -1.31 -1.45
N1 12A A 11 -3.04 -2.86 -3.09
C2 12A A 11 -3.63 -3.48 -4.10
N3 12A A 11 -4.81 -3.27 -4.63
C4 12A A 11 -5.45 -2.29 -3.96
S2 12A A 11 -2.70 -4.77 -4.84
C2M 12A A 11 -1.33 -4.54 -3.67
CC 12A A 11 -1.60 -1.23 -1.52
OO 12A A 11 -0.96 -1.62 -2.46
N 12A A 11 -1.01 -0.69 -0.42
CA 12A A 11 0.45 -0.55 -0.31
C 12A A 11 0.98 0.11 -1.58
O 12A A 11 1.97 -0.21 -2.15
OXT 12A A 11 0.22 1.09 -2.00
CB 12A A 11 1.10 -1.94 -0.03
OG1 12A A 11 2.49 -1.82 0.09
CG2 12A A 11 0.86 -2.96 -1.10
H5' 12A A 11 -11.09 -0.25 -4.57
H5'' 12A A 11 -11.27 -1.32 -3.18
H4' 12A A 11 -10.66 -2.43 -5.36
H3' 12A A 11 -9.17 -2.90 -2.81
H2' 12A A 11 -7.54 -4.27 -3.98
HO2' 12A A 11 -9.56 -4.83 -5.51
H1' 12A A 11 -7.15 -2.55 -6.08
H8 12A A 11 -7.86 -0.30 -3.21
HN6 12A A 11 -3.46 -0.96 -0.67
H2M1 12A A 11 -1.76 -4.72 -2.69
H2M2 12A A 11 -0.99 -3.53 -3.70
H2M3 12A A 11 -0.54 -5.21 -3.83
H 12A A 11 -1.55 -0.37 0.35
HA 12A A 11 0.69 0.05 0.51
HXT 12A A 11 0.61 1.45 -2.79
HB 12A A 11 0.64 -2.29 0.89
HG1 12A A 11 2.89 -2.68 0.05
HG21 12A A 11 -0.19 -3.13 -1.28
HG22 12A A 11 1.31 -2.66 -2.04
HG23 12A A 11 1.33 -3.86 -0.81
N1 70U A 8 -0.65 9.99 -0.03
C2 70U A 8 -0.97 9.83 -1.36
S2 70U A 8 -2.10 10.73 -2.20
N3 70U A 8 -0.28 8.82 -2.01
C4 70U A 8 0.67 7.99 -1.46
O4 70U A 8 1.20 7.13 -2.17
C5 70U A 8 0.95 8.23 -0.07
C6 70U A 8 0.30 9.20 0.57
C5M 70U A 8 1.98 7.37 0.61
C8 70U A 8 3.36 7.35 -0.01
O8 70U A 8 3.91 6.34 -0.31
O9 70U A 8 3.87 8.56 -0.18
C9 70U A 8 5.16 8.65 -0.76
C1' 70U A 8 -1.35 11.05 0.72
O2' 70U A 8 -3.44 12.12 1.16
C2' 70U A 8 -2.87 10.88 0.82
O3' 70U A 8 -4.20 9.98 2.66
C3' 70U A 8 -2.96 9.89 1.96
C4' 70U A 8 -1.78 10.24 2.87
O4' 70U A 8 -0.89 11.05 2.05
C5' 70U A 8 -1.01 9.05 3.38
O5' 70U A 8 -1.19 8.84 4.75
P 70U A 8 -0.03 8.18 5.62
OP1 70U A 8 -0.66 7.41 6.73
OP2 70U A 8 0.98 9.22 5.91
HN3 70U A 8 -0.49 8.67 -2.98
H6 70U A 8 0.53 9.37 1.61
H71 70U A 8 1.65 6.33 0.60
H72 70U A 8 2.10 7.65 1.66
H91 70U A 8 5.66 7.73 -0.53
H92 70U A 8 5.70 9.49 -0.35
H93 70U A 8 5.07 8.79 -1.83
H1' 70U A 8 -1.09 12.01 0.29
HO2' 70U A 8 -3.96 11.97 1.96
H2' 70U A 8 -3.28 10.45 -0.10
H3' 70U A 8 -2.90 8.85 1.63
H4' 70U A 8 -2.19 10.77 3.74
H5' 70U A 8 -1.34 8.16 2.84
H5'' 70U A 8 0.05 9.21 3.18
P 12A A 11 -10.19 0.96 -2.26
OP1 12A A 11 -9.14 1.05 -1.22
OP2 12A A 11 -11.63 0.90 -1.86
O5' 12A A 11 -9.88 -0.32 -3.16
C5' 12A A 11 -10.93 -1.08 -3.75
C4' 12A A 11 -10.36 -2.26 -4.51
O4' 12A A 11 -9.19 -1.79 -5.24
C3' 12A A 11 -9.85 -3.40 -3.63
O3' 12A A 11 -10.88 -4.35 -3.38
C2' 12A A 11 -8.71 -3.98 -4.46
O2' 12A A 11 -9.19 -4.79 -5.51
C1' 12A A 11 -8.13 -2.71 -5.06
N9 12A A 11 -7.15 -2.10 -4.17
C8 12A A 11 -7.32 -1.05 -3.31
N7 12A A 11 -6.26 -0.78 -2.58
C5 12A A 11 -5.34 -1.74 -3.00
C6 12A A 11 -4.03 -2.03 -2.61
N6 12A A 11 -3.26 -1.42 -1.67
N1 12A A 11 -3.42 -3.06 -3.22
C2 12A A 11 -4.06 -3.72 -4.17
N3 12A A 11 -5.27 -3.54 -4.65
C4 12A A 11 -5.87 -2.53 -4.00
S2 12A A 11 -3.17 -5.06 -4.90
C2M 12A A 11 -1.75 -4.77 -3.82
CC 12A A 11 -1.90 -1.35 -1.81
OO 12A A 11 -1.32 -1.79 -2.76
N 12A A 11 -1.25 -0.76 -0.77
CA 12A A 11 0.21 -0.63 -0.76
C 12A A 11 0.66 -0.02 -2.09
O 12A A 11 1.55 -0.45 -2.77
OXT 12A A 11 -0.03 1.04 -2.43
CB 12A A 11 0.88 -1.99 -0.46
OG1 12A A 11 2.27 -1.86 -0.43
CG2 12A A 11 0.59 -3.07 -1.47
H5' 12A A 11 -11.50 -0.46 -4.45
H5'' 12A A 11 -11.61 -1.45 -2.98
H4' 12A A 11 -11.14 -2.66 -5.14
H3' 12A A 11 -9.52 -3.04 -2.66
H2' 12A A 11 -7.98 -4.50 -3.83
HO2' 12A A 11 -10.07 -5.08 -5.25
H1' 12A A 11 -7.65 -2.87 -6.02
H8 12A A 11 -8.25 -0.52 -3.22
HN6 12A A 11 -3.72 -1.04 -0.87
H2M1 12A A 11 -2.12 -4.90 -2.81
H2M2 12A A 11 -1.40 -3.77 -3.92
H2M3 12A A 11 -0.97 -5.44 -4.00
H 12A A 11 -1.75 -0.40 0.02
HA 12A A 11 0.50 0.02 0.02
HXT 12A A 11 0.29 1.36 -3.25
HB 12A A 11 0.49 -2.29 0.51
HG1 12A A 11 2.63 -2.09 -1.28
HG21 12A A 11 -0.48 -3.25 -1.56
HG22 12A A 11 0.96 -2.81 -2.44
HG23 12A A 11 1.07 -3.96 -1.17
N1 70U A 8 -0.13 9.34 0.13
C2 70U A 8 -0.63 9.23 -1.16
S2 70U A 8 -1.80 10.22 -1.81
N3 70U A 8 -0.08 8.22 -1.91
C4 70U A 8 0.88 7.31 -1.51
O4 70U A 8 1.27 6.45 -2.30
C5 70U A 8 1.35 7.50 -0.17
C6 70U A 8 0.85 8.48 0.58
C5M 70U A 8 2.42 6.56 0.35
C8 70U A 8 3.69 6.48 -0.45
O8 70U A 8 4.18 7.42 -1.00
O9 70U A 8 4.21 5.26 -0.48
C9 70U A 8 5.42 5.06 -1.21
C1' 70U A 8 -0.66 10.41 0.99
O2' 70U A 8 -2.59 11.56 1.78
C2' 70U A 8 -2.15 10.31 1.30
O3' 70U A 8 -3.28 9.37 3.26
C3' 70U A 8 -2.15 9.27 2.40
C4' 70U A 8 -0.84 9.53 3.16
O4' 70U A 8 -0.01 10.33 2.25
C5' 70U A 8 -0.08 8.27 3.50
O5' 70U A 8 -0.09 8.03 4.90
P 70U A 8 1.14 7.24 5.55
OP1 70U A 8 0.62 6.50 6.73
OP2 70U A 8 2.27 8.19 5.71
HN3 70U A 8 -0.44 8.11 -2.85
H6 70U A 8 1.22 8.60 1.59
H71 70U A 8 2.03 5.54 0.35
H72 70U A 8 2.69 6.80 1.37
H91 70U A 8 6.17 4.82 -0.48
H92 70U A 8 5.68 5.96 -1.74
H93 70U A 8 5.29 4.26 -1.93
H1' 70U A 8 -0.39 11.37 0.56
HO2' 70U A 8 -3.01 11.41 2.63
H2' 70U A 8 -2.72 9.96 0.44
H3' 70U A 8 -2.17 8.25 2.00
H4' 70U A 8 -1.10 10.04 4.09
H5' 70U A 8 -0.55 7.42 3.00
H5'' 70U A 8 0.94 8.37 3.17
P 12A A 11 -10.91 1.79 -1.82
OP1 12A A 11 -10.04 2.10 -0.66
OP2 12A A 11 -12.38 1.76 -1.65
O5' 12A A 11 -10.44 0.39 -2.41
C5' 12A A 11 -11.19 -0.25 -3.44
C4' 12A A 11 -10.28 -1.14 -4.26
O4' 12A A 11 -9.10 -0.37 -4.64
C3' 12A A 11 -9.73 -2.35 -3.53
O3' 12A A 11 -10.61 -3.47 -3.65
C2' 12A A 11 -8.40 -2.60 -4.24
O2' 12A A 11 -8.58 -3.22 -5.50
C1' 12A A 11 -7.94 -1.16 -4.47
N9 12A A 11 -7.18 -0.63 -3.35
C8 12A A 11 -7.58 0.23 -2.36
N7 12A A 11 -6.65 0.47 -1.46
C5 12A A 11 -5.59 -0.31 -1.88
C6 12A A 11 -4.31 -0.53 -1.37
N6 12A A 11 -3.73 -0.03 -0.24
N1 12A A 11 -3.51 -1.38 -2.04
C2 12A A 11 -3.95 -1.94 -3.17
N3 12A A 11 -5.11 -1.79 -3.76
C4 12A A 11 -5.90 -0.97 -3.06
S2 12A A 11 -2.83 -3.03 -3.97
C2M 12A A 11 -1.59 -2.80 -2.68
CC 12A A 11 -2.37 0.21 -0.20
OO 12A A 11 -1.64 -0.01 -1.12
N 12A A 11 -1.91 0.67 1.00
CA 12A A 11 -0.48 0.94 1.19
C 12A A 11 0.04 1.78 0.03
O 12A A 11 1.15 1.73 -0.40
OXT 12A A 11 -0.86 2.58 -0.48
CB 12A A 11 0.31 -0.38 1.38
OG1 12A A 11 1.66 -0.12 1.58
CG2 12A A 11 0.24 -1.30 0.19
H5' 12A A 11 -11.64 0.50 -4.10
H5'' 12A A 11 -11.97 -0.86 -3.01
H4' 12A A 11 -10.85 -1.50 -5.11
H3' 12A A 11 -9.61 -2.17 -2.47
H2' 12A A 11 -7.69 -3.14 -3.60
HO2' 12A A 11 -9.44 -3.64 -5.47
H1' 12A A 11 -7.34 -1.06 -5.36
H8 12A A 11 -8.58 0.64 -2.31
HN6 12A A 11 -4.32 0.16 0.54
H2M1 12A A 11 -2.06 -3.15 -1.77
H2M2 12A A 11 -1.36 -1.77 -2.57
H2M3 12A A 11 -0.71 -3.36 -2.86
H 12A A 11 -2.52 0.84 1.77
HA 12A A 11 -0.34 1.49 2.09
HXT 12A A 11 -0.47 3.06 -1.19
HB 12A A 11 -0.15 -0.86 2.24
HG1 12A A 11 2.05 0.23 0.78
HG21 12A A 11 -0.78 -1.57 -0.04
HG22 12A A 11 0.68 -0.86 -0.68
HG23 12A A 11 0.79 -2.18 0.42
N1 70U A 8 0.37 9.80 1.58
C2 70U A 8 -0.09 9.83 0.28
S2 70U A 8 -1.19 10.92 -0.33
N3 70U A 8 0.45 8.85 -0.54
C4 70U A 8 1.37 7.89 -0.19
O4 70U A 8 1.74 7.09 -1.05
C5 70U A 8 1.78 7.93 1.18
C6 70U A 8 1.28 8.86 1.99
C5M 70U A 8 2.78 6.90 1.66
C8 70U A 8 4.10 6.84 0.90
O8 70U A 8 4.37 5.95 0.17
O9 70U A 8 4.89 7.89 1.16
C9 70U A 8 6.15 7.92 0.50
C1' 70U A 8 -0.16 10.80 2.52
O2' 70U A 8 -2.09 11.94 3.36
C2' 70U A 8 -1.67 10.73 2.76
O3' 70U A 8 -2.93 9.59 4.53
C3' 70U A 8 -1.75 9.56 3.73
C4' 70U A 8 -0.49 9.72 4.58
O4' 70U A 8 0.41 10.57 3.79
C5' 70U A 8 0.22 8.42 4.85
O5' 70U A 8 0.14 8.06 6.22
P 70U A 8 1.30 7.17 6.85
OP1 70U A 8 0.71 6.35 7.94
OP2 70U A 8 2.45 8.06 7.15
HN3 70U A 8 0.14 8.85 -1.50
H6 70U A 8 1.61 8.88 3.02
H71 70U A 8 2.36 5.90 1.55
H72 70U A 8 3.03 7.04 2.71
H91 70U A 8 6.50 8.94 0.60
H92 70U A 8 6.04 7.65 -0.53
H93 70U A 8 6.83 7.23 0.98
H1' 70U A 8 0.16 11.78 2.19
HO2' 70U A 8 -2.59 11.70 4.14
H2' 70U A 8 -2.22 10.50 1.84
H3' 70U A 8 -1.76 8.61 3.22
H4' 70U A 8 -0.79 10.16 5.54
H5' 70U A 8 -0.25 7.63 4.25
H5'' 70U A 8 1.26 8.52 4.57
P 12A A 11 -10.64 2.47 -1.59
OP1 12A A 11 -9.85 2.59 -0.34
OP2 12A A 11 -12.12 2.55 -1.53
O5' 12A A 11 -10.24 1.10 -2.29
C5' 12A A 11 -10.82 0.73 -3.55
C4' 12A A 11 -9.85 -0.13 -4.32
O4' 12A A 11 -8.62 0.62 -4.53
C3' 12A A 11 -9.40 -1.40 -3.61
O3' 12A A 11 -10.31 -2.47 -3.85
C2' 12A A 11 -8.02 -1.65 -4.20
O2' 12A A 11 -8.09 -2.19 -5.51
C1' 12A A 11 -7.50 -0.21 -4.31
N9 12A A 11 -6.84 0.22 -3.09
C8 12A A 11 -7.29 1.01 -2.08
N7 12A A 11 -6.46 1.14 -1.09
C5 12A A 11 -5.37 0.36 -1.47
C6 12A A 11 -4.16 0.05 -0.86
N6 12A A 11 -3.67 0.43 0.35
N1 12A A 11 -3.32 -0.77 -1.52
C2 12A A 11 -3.68 -1.22 -2.73
N3 12A A 11 -4.76 -0.97 -3.42
C4 12A A 11 -5.58 -0.18 -2.73
S2 12A A 11 -2.51 -2.29 -3.51
C2M 12A A 11 -1.40 -2.23 -2.09
CC 12A A 11 -2.32 0.59 0.55
OO 12A A 11 -1.52 0.42 -0.31
N 12A A 11 -1.98 0.94 1.81
CA 12A A 11 -0.57 1.13 2.19
C 12A A 11 0.12 2.01 1.14
O 12A A 11 1.27 1.94 0.85
OXT 12A A 11 -0.68 2.88 0.58
CB 12A A 11 0.12 -0.24 2.36
OG1 12A A 11 1.46 -0.08 2.75
CG2 12A A 11 0.14 -1.09 1.12
H5' 12A A 11 -11.04 1.62 -4.12
H5'' 12A A 11 -11.74 0.18 -3.38
H4' 12A A 11 -10.34 -0.44 -5.25
H3' 12A A 11 -9.37 -1.27 -2.52
H2' 12A A 11 -7.39 -2.24 -3.53
HO2' 12A A 11 -7.31 -2.75 -5.62
H1' 12A A 11 -6.82 -0.09 -5.14
H8 12A A 11 -8.27 1.47 -2.10
HN6 12A A 11 -4.34 0.60 1.08
H2M1 12A A 11 -1.95 -2.65 -1.26
H2M2 12A A 11 -1.17 -1.20 -1.83
H2M3 12A A 11 -0.51 -2.77 -2.24
H 12A A 11 -2.66 1.09 2.53
HA 12A A 11 -0.51 1.61 3.13
HXT 12A A 11 -0.18 3.38 -0.06
HB 12A A 11 -0.45 -0.76 3.14
HG1 12A A 11 1.61 -0.48 3.60
HG21 12A A 11 -0.86 -1.26 0.76
HG22 12A A 11 0.70 -0.60 0.34
HG23 12A A 11 0.62 -2.01 1.33
N1 70U A 8 -0.01 8.88 -0.74
C2 70U A 8 -0.27 8.73 -2.09
S2 70U A 8 -1.40 9.62 -2.94
N3 70U A 8 0.47 7.75 -2.72
C4 70U A 8 1.42 6.94 -2.15
O4 70U A 8 2.00 6.12 -2.86
C5 70U A 8 1.65 7.16 -0.76
C6 70U A 8 0.94 8.10 -0.12
C5M 70U A 8 2.68 6.32 -0.06
C8 70U A 8 4.08 6.35 -0.63
O8 70U A 8 4.65 7.37 -0.85
O9 70U A 8 4.58 5.14 -0.85
C9 70U A 8 5.89 5.07 -1.39
C1' 70U A 8 -0.77 9.89 0.01
O2' 70U A 8 -2.90 10.87 0.47
C2' 70U A 8 -2.27 9.67 0.06
O3' 70U A 8 -3.62 8.54 1.77
C3' 70U A 8 -2.34 8.59 1.14
C4' 70U A 8 -1.24 9.00 2.12
O4' 70U A 8 -0.35 9.87 1.36
C5' 70U A 8 -0.44 7.82 2.62
O5' 70U A 8 -0.68 7.58 4.00
P 70U A 8 0.47 6.92 4.88
OP1 70U A 8 -0.16 6.12 5.96
OP2 70U A 8 1.46 7.97 5.23
HN3 70U A 8 0.29 7.61 -3.71
H6 70U A 8 1.13 8.26 0.94
H71 70U A 8 2.38 5.26 -0.10
H72 70U A 8 2.75 6.58 1.00
H91 70U A 8 5.82 4.44 -2.26
H92 70U A 8 6.57 4.65 -0.67
H93 70U A 8 6.24 6.06 -1.66
H1' 70U A 8 -0.52 10.87 -0.38
HO2' 70U A 8 -3.45 10.65 1.22
H2' 70U A 8 -2.65 9.28 -0.89
H3' 70U A 8 -2.17 7.61 0.74
H4' 70U A 8 -1.72 9.47 2.97
H5' 70U A 8 -0.72 6.93 2.06
H5'' 70U A 8 0.61 8.02 2.47
P 12A A 11 -10.46 0.51 -3.30
OP1 12A A 11 -9.56 0.99 -2.22
OP2 12A A 11 -11.91 0.37 -3.04
O5' 12A A 11 -9.90 -0.90 -3.81
C5' 12A A 11 -10.36 -1.45 -5.04
C4' 12A A 11 -9.38 -2.49 -5.53
O4' 12A A 11 -8.13 -1.83 -5.88
C3' 12A A 11 -8.99 -3.55 -4.52
O3' 12A A 11 -9.91 -4.64 -4.54
C2' 12A A 11 -7.59 -3.95 -4.98
O2' 12A A 11 -7.65 -4.80 -6.11
C1' 12A A 11 -7.04 -2.60 -5.41
N9 12A A 11 -6.42 -1.89 -4.30
C8 12A A 11 -6.90 -0.86 -3.54
N7 12A A 11 -6.11 -0.51 -2.56
C5 12A A 11 -5.04 -1.38 -2.69
C6 12A A 11 -3.86 -1.56 -1.95
N6 12A A 11 -3.43 -0.90 -0.84
N1 12A A 11 -3.02 -2.52 -2.35
C2 12A A 11 -3.31 -3.24 -3.42
N3 12A A 11 -4.36 -3.16 -4.21
C4 12A A 11 -5.20 -2.21 -3.78
S2 12A A 11 -2.14 -4.48 -3.85
C2M 12A A 11 -1.11 -4.09 -2.42
CC 12A A 11 -2.09 -0.72 -0.61
OO 12A A 11 -1.23 -1.10 -1.35
N 12A A 11 -1.79 -0.07 0.56
CA 12A A 11 -0.41 0.19 0.97
C 12A A 11 0.37 0.80 -0.21
O 12A A 11 1.52 0.61 -0.43
OXT 12A A 11 -0.38 1.56 -0.98
CB 12A A 11 0.25 -1.12 1.50
OG1 12A A 11 1.55 -0.88 1.91
CG2 12A A 11 0.32 -2.22 0.48
H5' 12A A 11 -10.46 -0.67 -5.79
H5'' 12A A 11 -11.33 -1.93 -4.89
H4' 12A A 11 -9.85 -3.00 -6.37
H3' 12A A 11 -9.01 -3.16 -3.51
H2' 12A A 11 -7.01 -4.38 -4.16
HO2' 12A A 11 -8.52 -5.19 -6.12
H1' 12A A 11 -6.32 -2.68 -6.21
H8 12A A 11 -7.86 -0.41 -3.72
HN6 12A A 11 -4.12 -0.56 -0.20
H2M1 12A A 11 -1.73 -4.27 -1.56
H2M2 12A A 11 -0.84 -3.05 -2.43
H2M3 12A A 11 -0.24 -4.68 -2.37
H 12A A 11 -2.51 0.25 1.17
HA 12A A 11 -0.39 0.87 1.76
HXT 12A A 11 0.17 1.90 -1.67
HB 12A A 11 -0.39 -1.44 2.33
HG1 12A A 11 1.64 -1.04 2.84
HG21 12A A 11 -0.66 -2.48 0.10
HG22 12A A 11 0.94 -1.95 -0.36
HG23 12A A 11 0.76 -3.07 0.93
N1 70U A 8 0.42 8.07 -1.50
C2 70U A 8 -0.02 7.87 -2.80
S2 70U A 8 -1.07 8.87 -3.60
N3 70U A 8 0.49 6.75 -3.41
C4 70U A 8 1.36 5.82 -2.87
O4 70U A 8 1.71 4.86 -3.55
C5 70U A 8 1.77 6.10 -1.52
C6 70U A 8 1.30 7.19 -0.91
C5M 70U A 8 2.73 5.15 -0.86
C8 70U A 8 4.05 4.90 -1.57
O8 70U A 8 4.66 5.77 -2.11
O9 70U A 8 4.41 3.63 -1.54
C9 70U A 8 5.64 3.29 -2.18
C1' 70U A 8 -0.07 9.25 -0.78
O2' 70U A 8 -1.95 10.62 -0.25
C2' 70U A 8 -1.58 9.29 -0.57
O3' 70U A 8 -2.89 8.69 1.41
C3' 70U A 8 -1.73 8.38 0.64
C4' 70U A 8 -0.45 8.63 1.45
O4' 70U A 8 0.49 9.25 0.52
C5' 70U A 8 0.19 7.36 1.97
O5' 70U A 8 0.08 7.26 3.38
P 70U A 8 1.21 6.49 4.19
OP1 70U A 8 0.57 5.90 5.41
OP2 70U A 8 2.38 7.39 4.35
HN3 70U A 8 0.18 6.56 -4.36
H6 70U A 8 1.62 7.38 0.10
H71 70U A 8 2.27 4.16 -0.77
H72 70U A 8 2.97 5.47 0.16
H91 70U A 8 5.84 4.08 -2.88
H92 70U A 8 5.54 2.34 -2.69
H93 70U A 8 6.43 3.20 -1.45
H1' 70U A 8 0.29 10.14 -1.28
HO2' 70U A 8 -2.42 10.59 0.57
H2' 70U A 8 -2.12 8.89 -1.42
H3' 70U A 8 -1.83 7.34 0.37
H4' 70U A 8 -0.72 9.24 2.31
H5' 70U A 8 -0.31 6.50 1.52
H5'' 70U A 8 1.25 7.35 1.69
P 12A A 11 -10.76 0.82 -2.24
OP1 12A A 11 -9.60 1.07 -1.35
OP2 12A A 11 -12.08 0.52 -1.65
O5' 12A A 11 -10.38 -0.39 -3.23
C5' 12A A 11 -11.38 -1.08 -3.95
C4' 12A A 11 -10.78 -2.29 -4.64
O4' 12A A 11 -9.60 -1.84 -5.38
C3' 12A A 11 -10.27 -3.38 -3.71
O3' 12A A 11 -11.30 -4.31 -3.41
C2' 12A A 11 -9.12 -3.99 -4.49
O2' 12A A 11 -9.58 -4.87 -5.51
C1' 12A A 11 -8.55 -2.76 -5.17
N9 12A A 11 -7.53 -2.10 -4.35
C8 12A A 11 -7.62 -0.98 -3.57
N7 12A A 11 -6.51 -0.69 -2.94
C5 12A A 11 -5.64 -1.71 -3.30
C6 12A A 11 -4.34 -2.02 -2.94
N6 12A A 11 -3.50 -1.36 -2.10
N1 12A A 11 -3.79 -3.12 -3.49
C2 12A A 11 -4.50 -3.85 -4.34
N3 12A A 11 -5.73 -3.66 -4.76
C4 12A A 11 -6.26 -2.58 -4.19
S2 12A A 11 -3.69 -5.28 -4.97
C2M 12A A 11 -2.21 -4.96 -3.99
CC 12A A 11 -2.13 -1.41 -2.29
OO 12A A 11 -1.61 -2.00 -3.19
N 12A A 11 -1.41 -0.73 -1.35
CA 12A A 11 0.06 -0.70 -1.37
C 12A A 11 0.56 -0.29 -2.76
O 12A A 11 1.65 -0.52 -3.17
OXT 12A A 11 -0.34 0.34 -3.48
CB 12A A 11 0.65 -2.06 -0.92
OG1 12A A 11 2.04 -2.03 -0.92
CG2 12A A 11 0.26 -3.21 -1.81
H5' 12A A 11 -11.82 -0.43 -4.70
H5'' 12A A 11 -12.16 -1.43 -3.27
H4' 12A A 11 -11.54 -2.74 -5.28
H3' 12A A 11 -9.94 -2.97 -2.75
H2' 12A A 11 -8.39 -4.47 -3.83
HO2' 12A A 11 -8.90 -5.52 -5.66
H1' 12A A 11 -8.10 -2.98 -6.13
H8 12A A 11 -8.54 -0.43 -3.47
HN6 12A A 11 -3.90 -0.85 -1.34
H2M1 12A A 11 -2.53 -5.02 -2.96
H2M2 12A A 11 -1.85 -3.97 -4.17
H2M3 12A A 11 -1.45 -5.67 -4.17
H 12A A 11 -1.86 -0.24 -0.61
HA 12A A 11 0.40 0.01 -0.67
HXT 12A A 11 0.06 0.56 -4.32
HB 12A A 11 0.24 -2.23 0.07
HG1 12A A 11 2.37 -1.87 -1.80
HG21 12A A 11 -0.81 -3.33 -1.88
HG22 12A A 11 0.65 -3.08 -2.80
HG23 12A A 11 0.70 -4.10 -1.43
N1 70U A 8 -0.79 10.54 0.75
C2 70U A 8 -0.76 10.45 -0.62
S2 70U A 8 -1.73 11.33 -1.66
N3 70U A 8 0.16 9.55 -1.12
C4 70U A 8 1.02 8.76 -0.39
O4 70U A 8 1.80 8.01 -0.98
C5 70U A 8 0.92 8.93 1.03
C6 70U A 8 0.04 9.79 1.53
C5M 70U A 8 1.81 8.12 1.90
C8 70U A 8 3.30 8.23 1.65
O8 70U A 8 3.84 9.26 1.38
O9 70U A 8 3.92 7.06 1.74
C9 70U A 8 5.34 7.04 1.52
C1' 70U A 8 -1.73 11.47 1.37
O2' 70U A 8 -4.07 11.92 1.43
C2' 70U A 8 -3.13 10.89 1.59
O3' 70U A 8 -4.31 10.38 3.70
C3' 70U A 8 -3.03 10.43 3.05
C4' 70U A 8 -2.16 11.51 3.68
O4' 70U A 8 -1.20 11.84 2.64
C5' 70U A 8 -1.43 11.15 4.95
O5' 70U A 8 -1.72 9.80 5.33
P 70U A 8 -0.71 8.96 6.24
OP1 70U A 8 -1.53 8.09 7.11
OP2 70U A 8 0.26 9.91 6.84
HN3 70U A 8 0.22 9.47 -2.12
H6 70U A 8 -0.03 9.90 2.61
H71 70U A 8 1.58 7.08 1.77
H72 70U A 8 1.64 8.33 2.96
H91 70U A 8 5.59 8.04 1.18
H92 70U A 8 5.59 6.31 0.77
H93 70U A 8 5.85 6.81 2.44
H1' 70U A 8 -1.76 12.37 0.77
HO2' 70U A 8 -4.81 11.55 0.95
H2' 70U A 8 -3.32 10.04 0.94
H3' 70U A 8 -2.60 9.45 3.15
H4' 70U A 8 -2.82 12.33 3.91
H5' 70U A 8 -0.36 11.28 4.81
H5'' 70U A 8 -1.75 11.82 5.74
P 12A A 11 -10.10 1.56 -1.75
OP1 12A A 11 -9.10 1.67 -0.65
OP2 12A A 11 -11.54 1.43 -1.41
O5' 12A A 11 -9.70 0.31 -2.66
C5' 12A A 11 -10.69 -0.48 -3.32
C4' 12A A 11 -10.03 -1.57 -4.12
O4' 12A A 11 -8.85 -1.01 -4.76
C3' 12A A 11 -9.51 -2.75 -3.30
O3' 12A A 11 -10.51 -3.75 -3.14
C2' 12A A 11 -8.32 -3.22 -4.12
O2' 12A A 11 -8.71 -3.98 -5.25
C1' 12A A 11 -7.77 -1.89 -4.61
N9 12A A 11 -6.83 -1.31 -3.67
C8 12A A 11 -7.05 -0.33 -2.74
N7 12A A 11 -6.01 -0.08 -1.98
C5 12A A 11 -5.06 -0.97 -2.44
C6 12A A 11 -3.75 -1.25 -2.05
N6 12A A 11 -3.01 -0.69 -1.05
N1 12A A 11 -3.09 -2.20 -2.72
C2 12A A 11 -3.69 -2.84 -3.73
N3 12A A 11 -4.90 -2.65 -4.21
C4 12A A 11 -5.55 -1.71 -3.49
S2 12A A 11 -2.75 -4.07 -4.54
C2M 12A A 11 -1.36 -3.83 -3.41
CC 12A A 11 -1.64 -0.56 -1.18
OO 12A A 11 -1.04 -0.89 -2.16
N 12A A 11 -1.02 -0.02 -0.10
CA 12A A 11 0.43 0.16 -0.07
C 12A A 11 0.87 0.85 -1.36
O 12A A 11 1.82 0.55 -2.00
OXT 12A A 11 0.08 1.85 -1.71
CB 12A A 11 1.14 -1.19 0.16
OG1 12A A 11 2.53 -1.02 0.20
CG2 12A A 11 0.89 -2.21 -0.91
H5' 12A A 11 -11.28 0.16 -3.98
H5'' 12A A 11 -11.35 -0.92 -2.57
H4' 12A A 11 -10.77 -1.97 -4.81
H3' 12A A 11 -9.23 -2.45 -2.29
H2' 12A A 11 -7.57 -3.74 -3.49
HO2' 12A A 11 -8.00 -4.59 -5.46
H1' 12A A 11 -7.27 -1.98 -5.57
H8 12A A 11 -8.00 0.17 -2.63
HN6 12A A 11 -3.48 -0.39 -0.22
H2M1 12A A 11 -1.74 -4.04 -2.43
H2M2 12A A 11 -1.04 -2.80 -3.43
H2M3 12A A 11 -0.54 -4.46 -3.64
H 12A A 11 -1.53 0.25 0.72
HA 12A A 11 0.69 0.77 0.74
HXT 12A A 11 0.40 2.22 -2.51
HB 12A A 11 0.75 -1.57 1.10
HG1 12A A 11 2.90 -1.16 -0.66
HG21 12A A 11 -0.17 -2.42 -1.02
HG22 12A A 11 1.26 -1.89 -1.87
HG23 12A A 11 1.40 -3.10 -0.66
N1 70U A 8 1.39 6.87 -2.38
C2 70U A 8 0.87 6.53 -3.61
S2 70U A 8 -0.11 7.52 -4.53
N3 70U A 8 1.22 5.29 -4.07
C4 70U A 8 2.01 4.35 -3.43
O4 70U A 8 2.24 3.27 -3.98
C5 70U A 8 2.51 4.78 -2.15
C6 70U A 8 2.20 5.98 -1.68
C5M 70U A 8 3.40 3.82 -1.38
C8 70U A 8 4.65 3.34 -2.09
O8 70U A 8 5.50 4.09 -2.46
O9 70U A 8 4.66 2.03 -2.24
C9 70U A 8 5.79 1.47 -2.90
C1' 70U A 8 1.07 8.19 -1.81
O2' 70U A 8 -0.60 9.84 -1.40
C2' 70U A 8 -0.41 8.44 -1.54
O3' 70U A 8 -1.66 8.25 0.56
C3' 70U A 8 -0.58 7.73 -0.21
C4' 70U A 8 0.75 7.92 0.49
O4' 70U A 8 1.69 8.30 -0.55
C5' 70U A 8 1.25 6.67 1.17
O5' 70U A 8 1.21 6.78 2.58
P 70U A 8 2.27 5.98 3.46
OP1 70U A 8 1.62 5.65 4.76
OP2 70U A 8 3.54 6.73 3.44
HN3 70U A 8 0.86 5.02 -4.97
H6 70U A 8 2.59 6.28 -0.72
H71 70U A 8 2.84 2.92 -1.15
H72 70U A 8 3.71 4.26 -0.43
H91 70U A 8 6.61 2.15 -2.76
H92 70U A 8 5.59 1.32 -3.94
H93 70U A 8 6.03 0.50 -2.47
H1' 70U A 8 1.50 8.95 -2.45
HO2' 70U A 8 -1.17 9.96 -0.63
H2' 70U A 8 -1.04 8.01 -2.32
H3' 70U A 8 -0.81 6.67 -0.35
H4' 70U A 8 0.60 8.68 1.27
H5' 70U A 8 0.64 5.82 0.87
H5'' 70U A 8 2.28 6.50 0.86
P 12A A 11 -10.51 1.35 -2.00
OP1 12A A 11 -9.31 1.60 -1.15
OP2 12A A 11 -11.86 1.66 -1.48
O5' 12A A 11 -10.48 -0.20 -2.42
C5' 12A A 11 -11.40 -0.70 -3.39
C4' 12A A 11 -10.76 -1.82 -4.17
O4' 12A A 11 -9.61 -1.29 -4.88
C3' 12A A 11 -10.21 -2.96 -3.34
O3' 12A A 11 -11.22 -3.92 -3.04
C2' 12A A 11 -9.10 -3.51 -4.22
O2' 12A A 11 -9.61 -4.30 -5.28
C1' 12A A 11 -8.54 -2.22 -4.80
N9 12A A 11 -7.48 -1.67 -3.97
C8 12A A 11 -7.53 -0.63 -3.07
N7 12A A 11 -6.39 -0.44 -2.44
C5 12A A 11 -5.57 -1.43 -2.94
C6 12A A 11 -4.25 -1.80 -2.68
N6 12A A 11 -3.36 -1.26 -1.79
N1 12A A 11 -3.75 -2.84 -3.36
C2 12A A 11 -4.50 -3.46 -4.25
N3 12A A 11 -5.74 -3.20 -4.61
C4 12A A 11 -6.23 -2.17 -3.91
S2 12A A 11 -3.75 -4.82 -5.08
C2M 12A A 11 -2.23 -4.62 -4.13
CC 12A A 11 -2.02 -1.24 -2.07
OO 12A A 11 -1.55 -1.67 -3.08
N 12A A 11 -1.25 -0.72 -1.08
CA 12A A 11 0.22 -0.64 -1.19
C 12A A 11 0.58 -0.03 -2.54
O 12A A 11 1.44 -0.43 -3.26
OXT 12A A 11 -0.17 1.01 -2.84
CB 12A A 11 0.84 -2.05 -0.98
OG1 12A A 11 2.23 -2.00 -1.08
CG2 12A A 11 0.39 -3.08 -1.99
H5' 12A A 11 -11.68 0.10 -4.08
H5'' 12A A 11 -12.29 -1.07 -2.89
H4' 12A A 11 -11.53 -2.24 -4.83
H3' 12A A 11 -9.84 -2.61 -2.37
H2' 12A A 11 -8.35 -4.04 -3.62
HO2' 12A A 11 -8.94 -4.94 -5.51
H1' 12A A 11 -8.14 -2.36 -5.80
H8 12A A 11 -8.42 -0.06 -2.88
HN6 12A A 11 -3.73 -0.88 -0.96
H2M1 12A A 11 -2.50 -4.76 -3.10
H2M2 12A A 11 -1.85 -3.63 -4.25
H2M3 12A A 11 -1.50 -5.33 -4.41
H 12A A 11 -1.65 -0.36 -0.24
HA 12A A 11 0.60 -0.04 -0.43
HXT 12A A 11 0.11 1.34 -3.70
HB 12A A 11 0.51 -2.36 0.01
HG1 12A A 11 2.54 -2.62 -1.72
HG21 12A A 11 -0.68 -3.20 -1.99
HG22 12A A 11 0.70 -2.81 -2.98
HG23 12A A 11 0.86 -4.00 -1.75
N1 70U A 8 0.40 9.41 1.05
C2 70U A 8 0.13 9.46 -0.32
S2 70U A 8 -1.04 10.43 -1.02
N3 70U A 8 0.90 8.62 -1.08
C4 70U A 8 1.88 7.77 -0.65
O4 70U A 8 2.49 7.08 -1.48
C5 70U A 8 2.11 7.77 0.76
C6 70U A 8 1.37 8.58 1.54
C5M 70U A 8 3.17 6.87 1.33
C8 70U A 8 4.56 7.04 0.77
O8 70U A 8 4.94 8.07 0.30
O9 70U A 8 5.31 5.95 0.87
C9 70U A 8 6.63 5.99 0.38
C1' 70U A 8 -0.39 10.27 1.94
O2' 70U A 8 -2.55 11.10 2.54
C2' 70U A 8 -1.89 9.99 1.96
O3' 70U A 8 -3.21 8.62 3.50
C3' 70U A 8 -1.94 8.77 2.87
C4' 70U A 8 -0.83 9.04 3.89
O4' 70U A 8 0.03 10.05 3.27
C5' 70U A 8 0.01 7.83 4.19
O5' 70U A 8 -0.20 7.37 5.52
P 70U A 8 0.98 6.61 6.27
OP1 70U A 8 0.38 5.65 7.23
OP2 70U A 8 1.95 7.62 6.75
HN3 70U A 8 0.73 8.64 -2.08
H6 70U A 8 1.55 8.58 2.60
H71 70U A 8 2.91 5.83 1.12
H72 70U A 8 3.23 6.97 2.41
H91 70U A 8 6.59 6.54 -0.55
H92 70U A 8 7.02 5.01 0.22
H93 70U A 8 7.27 6.50 1.10
H1' 70U A 8 -0.17 11.31 1.71
HO2' 70U A 8 -3.16 10.74 3.19
H2' 70U A 8 -2.27 9.74 0.96
H3' 70U A 8 -1.75 7.86 2.33
H4' 70U A 8 -1.30 9.37 4.82
H5' 70U A 8 -0.26 7.03 3.51
H5'' 70U A 8 1.05 8.07 4.07
P 12A A 11 -9.80 0.83 -2.58
OP1 12A A 11 -8.83 0.68 -1.47
OP2 12A A 11 -11.22 0.44 -2.37
O5' 12A A 11 -9.23 0.02 -3.82
C5' 12A A 11 -10.11 -0.62 -4.75
C4' 12A A 11 -9.42 -1.80 -5.39
O4' 12A A 11 -8.15 -1.34 -5.96
C3' 12A A 11 -9.04 -2.92 -4.43
O3' 12A A 11 -10.09 -3.87 -4.30
C2' 12A A 11 -7.80 -3.52 -5.09
O2' 12A A 11 -8.14 -4.37 -6.16
C1' 12A A 11 -7.13 -2.26 -5.63
N9 12A A 11 -6.25 -1.64 -4.66
C8 12A A 11 -6.47 -0.56 -3.86
N7 12A A 11 -5.48 -0.28 -3.04
C5 12A A 11 -4.56 -1.29 -3.31
C6 12A A 11 -3.32 -1.61 -2.77
N6 12A A 11 -2.62 -1.00 -1.77
N1 12A A 11 -2.68 -2.68 -3.27
C2 12A A 11 -3.25 -3.37 -4.25
N3 12A A 11 -4.39 -3.17 -4.86
C4 12A A 11 -5.01 -2.11 -4.33
S2 12A A 11 -2.34 -4.78 -4.82
C2M 12A A 11 -1.04 -4.52 -3.60
CC 12A A 11 -1.24 -1.03 -1.74
OO 12A A 11 -0.57 -1.57 -2.58
N 12A A 11 -0.68 -0.40 -0.67
CA 12A A 11 0.76 -0.37 -0.45
C 12A A 11 1.44 0.15 -1.72
O 12A A 11 1.51 1.30 -2.02
OXT 12A A 11 1.96 -0.79 -2.48
CB 12A A 11 1.27 -1.77 0.01
OG1 12A A 11 2.65 -1.73 0.22
CG2 12A A 11 1.04 -2.89 -0.98
H5' 12A A 11 -10.40 0.08 -5.53
H5'' 12A A 11 -11.01 -0.97 -4.23
H4' 12A A 11 -10.10 -2.23 -6.12
H3' 12A A 11 -8.84 -2.54 -3.43
H2' 12A A 11 -7.15 -4.02 -4.34
HO2' 12A A 11 -9.06 -4.60 -6.05
H1' 12A A 11 -6.57 -2.46 -6.53
H8 12A A 11 -7.39 0.00 -3.89
HN6 12A A 11 -3.14 -0.51 -1.07
H2M1 12A A 11 -1.51 -4.65 -2.65
H2M2 12A A 11 -0.67 -3.51 -3.66
H2M3 12A A 11 -0.25 -5.20 -3.71
H 12A A 11 -1.26 0.06 0.02
HA 12A A 11 0.99 0.29 0.33
HXT 12A A 11 2.35 -0.37 -3.24
HB 12A A 11 0.72 -1.98 0.91
HG1 12A A 11 2.88 -2.35 0.91
HG21 12A A 11 0.00 -3.00 -1.21
HG22 12A A 11 1.57 -2.71 -1.90
HG23 12A A 11 1.41 -3.79 -0.56
#